data_8SV9
#
_entry.id   8SV9
#
_cell.length_a   112.060
_cell.length_b   139.960
_cell.length_c   87.450
_cell.angle_alpha   90.00
_cell.angle_beta   90.00
_cell.angle_gamma   90.00
#
_symmetry.space_group_name_H-M   'C 2 2 2'
#
loop_
_entity.id
_entity.type
_entity.pdbx_description
1 polymer 'Serine/threonine-protein kinase ULK1'
2 non-polymer (4P)-4-[(2P)-2-(1,2,5,6-tetrahydropyridin-3-yl)-1H-pyrrolo[2,3-b]pyridin-5-yl]-N-(2,2,2-trifluoroethyl)thiophene-2-carboxamide
3 non-polymer 'SULFATE ION'
4 non-polymer 1,2-ETHANEDIOL
5 water water
#
_entity_poly.entity_id   1
_entity_poly.type   'polypeptide(L)'
_entity_poly.pdbx_seq_one_letter_code
;MEPGRGGTETVGKFEFSRKDLIGHGAFAVVFKGRHRAAHDLEVAVKCINKKNLAKSQTLLGKEIKILKELKHENIVALYD
FQEMAN(SEP)VYLVMEYCNGGDLADYLHAMRTLSEDTIRLFLQQIAGAMRLLHSKGIIHRDLKPQNILLSNPAGRRANP
NSIRVKIADFGFARYLQSNMMAA(TPO)LCGSPMYMAPEVIMSQHYDGKADLWSIGTIVYQCLTGKAPFQASSPQDLRLF
YEKNKTLVPTIPRETSAPLRQLLLALLQRNHKDRMDFDEFFHHPFLDASPS
;
_entity_poly.pdbx_strand_id   A,B
#
# COMPACT_ATOMS: atom_id res chain seq x y z
N THR A 8 14.70 22.74 22.98
CA THR A 8 14.14 22.16 21.76
C THR A 8 13.02 23.04 21.22
N GLU A 9 12.75 22.92 19.92
CA GLU A 9 11.75 23.72 19.24
C GLU A 9 10.53 22.87 18.93
N THR A 10 9.36 23.50 18.95
CA THR A 10 8.10 22.82 18.70
C THR A 10 7.36 23.47 17.53
N VAL A 11 6.76 22.63 16.69
CA VAL A 11 5.91 23.07 15.57
C VAL A 11 4.65 22.22 15.65
N GLY A 12 3.59 22.78 16.20
CA GLY A 12 2.35 22.01 16.34
C GLY A 12 2.54 20.88 17.32
N LYS A 13 2.15 19.67 16.91
CA LYS A 13 2.30 18.48 17.73
C LYS A 13 3.65 17.80 17.55
N PHE A 14 4.62 18.49 16.93
CA PHE A 14 5.94 17.94 16.67
C PHE A 14 7.00 18.80 17.31
N GLU A 15 8.17 18.20 17.52
CA GLU A 15 9.31 18.89 18.09
C GLU A 15 10.58 18.46 17.37
N PHE A 16 11.57 19.35 17.38
CA PHE A 16 12.84 19.07 16.74
C PHE A 16 13.92 19.87 17.45
N SER A 17 15.18 19.51 17.20
CA SER A 17 16.32 20.20 17.78
C SER A 17 17.30 20.55 16.67
N ARG A 18 17.75 21.80 16.65
CA ARG A 18 18.84 22.16 15.77
C ARG A 18 20.09 21.35 16.14
N LYS A 19 21.05 21.32 15.20
CA LYS A 19 22.22 20.45 15.21
C LYS A 19 21.86 18.98 15.00
N ASP A 20 20.58 18.66 14.83
CA ASP A 20 20.15 17.37 14.28
C ASP A 20 19.98 17.44 12.77
N LEU A 21 20.91 18.13 12.10
CA LEU A 21 20.78 18.40 10.68
C LEU A 21 20.84 17.11 9.87
N ILE A 22 19.84 16.91 9.01
CA ILE A 22 19.81 15.77 8.10
C ILE A 22 19.74 16.21 6.64
N GLY A 23 19.78 17.51 6.37
CA GLY A 23 19.72 18.01 5.01
C GLY A 23 19.69 19.52 4.97
N HIS A 24 20.28 20.11 3.93
CA HIS A 24 20.33 21.56 3.84
C HIS A 24 20.52 21.97 2.39
N GLY A 25 20.05 23.18 2.07
CA GLY A 25 20.24 23.77 0.77
C GLY A 25 20.50 25.25 0.90
N ALA A 26 20.60 25.91 -0.25
CA ALA A 26 20.81 27.36 -0.28
C ALA A 26 19.60 28.12 0.25
N PHE A 27 18.41 27.52 0.22
CA PHE A 27 17.19 28.21 0.64
C PHE A 27 16.37 27.42 1.65
N ALA A 28 16.93 26.38 2.26
CA ALA A 28 16.17 25.58 3.20
C ALA A 28 17.12 24.79 4.09
N VAL A 29 16.64 24.47 5.28
CA VAL A 29 17.37 23.67 6.26
C VAL A 29 16.42 22.61 6.80
N VAL A 30 16.93 21.40 7.00
CA VAL A 30 16.11 20.26 7.40
C VAL A 30 16.74 19.60 8.62
N PHE A 31 15.93 19.42 9.67
CA PHE A 31 16.36 18.76 10.89
C PHE A 31 15.48 17.53 11.15
N LYS A 32 16.06 16.57 11.87
CA LYS A 32 15.28 15.43 12.33
C LYS A 32 14.39 15.85 13.49
N GLY A 33 13.18 15.29 13.53
CA GLY A 33 12.23 15.62 14.56
C GLY A 33 11.38 14.43 14.93
N ARG A 34 10.41 14.67 15.80
CA ARG A 34 9.55 13.60 16.28
C ARG A 34 8.25 14.18 16.80
N HIS A 35 7.22 13.33 16.82
CA HIS A 35 5.97 13.69 17.48
C HIS A 35 6.21 13.86 18.97
N ARG A 36 5.52 14.82 19.57
CA ARG A 36 5.72 15.10 21.00
C ARG A 36 5.23 13.95 21.87
N ALA A 37 4.16 13.27 21.45
CA ALA A 37 3.60 12.14 22.19
C ALA A 37 4.27 10.83 21.81
N ALA A 38 4.30 10.51 20.52
CA ALA A 38 4.92 9.28 20.02
C ALA A 38 6.34 9.62 19.59
N HIS A 39 7.30 9.36 20.48
CA HIS A 39 8.69 9.73 20.21
C HIS A 39 9.33 8.87 19.13
N ASP A 40 8.82 7.66 18.89
CA ASP A 40 9.35 6.83 17.82
C ASP A 40 8.91 7.30 16.44
N LEU A 41 7.89 8.15 16.36
CA LEU A 41 7.43 8.70 15.08
C LEU A 41 8.41 9.77 14.62
N GLU A 42 9.22 9.45 13.62
CA GLU A 42 10.23 10.36 13.14
C GLU A 42 9.69 11.22 12.00
N VAL A 43 10.07 12.50 12.00
CA VAL A 43 9.69 13.43 10.95
C VAL A 43 10.90 14.28 10.61
N ALA A 44 10.81 14.96 9.47
CA ALA A 44 11.83 15.90 9.02
C ALA A 44 11.21 17.29 9.01
N VAL A 45 11.78 18.22 9.77
CA VAL A 45 11.25 19.58 9.86
C VAL A 45 12.09 20.48 8.97
N LYS A 46 11.44 21.08 7.98
CA LYS A 46 12.08 21.98 7.03
C LYS A 46 11.86 23.42 7.46
N CYS A 47 12.94 24.18 7.55
CA CYS A 47 12.91 25.54 8.07
C CYS A 47 13.60 26.49 7.11
N ILE A 48 13.58 27.77 7.47
CA ILE A 48 14.19 28.81 6.66
C ILE A 48 15.71 28.72 6.78
N ASN A 49 16.40 28.86 5.66
CA ASN A 49 17.84 29.08 5.68
C ASN A 49 18.06 30.58 5.87
N LYS A 50 18.61 30.96 7.02
CA LYS A 50 18.73 32.38 7.35
C LYS A 50 19.68 33.12 6.43
N LYS A 51 20.52 32.39 5.68
CA LYS A 51 21.43 33.04 4.74
C LYS A 51 20.67 33.74 3.61
N ASN A 52 19.49 33.25 3.25
CA ASN A 52 18.65 33.85 2.21
C ASN A 52 17.22 33.96 2.75
N LEU A 53 17.02 34.86 3.70
CA LEU A 53 15.80 34.89 4.49
C LEU A 53 14.56 35.12 3.61
N ALA A 54 14.56 36.21 2.83
CA ALA A 54 13.37 36.59 2.09
C ALA A 54 12.96 35.52 1.08
N LYS A 55 13.93 35.03 0.30
CA LYS A 55 13.61 34.04 -0.72
C LYS A 55 13.27 32.68 -0.11
N SER A 56 13.94 32.31 0.98
CA SER A 56 13.66 31.02 1.63
C SER A 56 12.21 30.96 2.10
N GLN A 57 11.70 32.07 2.64
CA GLN A 57 10.29 32.15 3.02
C GLN A 57 9.39 31.88 1.82
N THR A 58 9.65 32.59 0.71
CA THR A 58 8.79 32.46 -0.47
C THR A 58 8.81 31.04 -1.02
N LEU A 59 10.01 30.46 -1.15
CA LEU A 59 10.10 29.10 -1.70
C LEU A 59 9.47 28.08 -0.76
N LEU A 60 9.60 28.27 0.55
CA LEU A 60 8.95 27.36 1.50
CA LEU A 60 8.95 27.36 1.50
C LEU A 60 7.43 27.47 1.43
N GLY A 61 6.92 28.69 1.25
CA GLY A 61 5.48 28.85 1.09
C GLY A 61 4.98 28.22 -0.19
N LYS A 62 5.72 28.38 -1.29
CA LYS A 62 5.32 27.77 -2.55
C LYS A 62 5.30 26.25 -2.45
N GLU A 63 6.30 25.67 -1.77
CA GLU A 63 6.33 24.22 -1.60
C GLU A 63 5.12 23.71 -0.84
N ILE A 64 4.67 24.46 0.16
CA ILE A 64 3.48 24.08 0.90
C ILE A 64 2.28 24.00 -0.03
N LYS A 65 2.08 25.04 -0.85
CA LYS A 65 0.93 25.06 -1.75
C LYS A 65 1.00 23.93 -2.76
N ILE A 66 2.21 23.59 -3.22
CA ILE A 66 2.37 22.51 -4.19
C ILE A 66 2.10 21.16 -3.54
N LEU A 67 2.74 20.89 -2.41
CA LEU A 67 2.64 19.57 -1.79
C LEU A 67 1.27 19.30 -1.20
N LYS A 68 0.47 20.34 -0.95
CA LYS A 68 -0.91 20.14 -0.55
C LYS A 68 -1.72 19.41 -1.62
N GLU A 69 -1.30 19.50 -2.89
CA GLU A 69 -2.01 18.89 -3.99
C GLU A 69 -1.36 17.63 -4.51
N LEU A 70 -0.17 17.28 -4.01
CA LEU A 70 0.61 16.16 -4.51
C LEU A 70 0.77 15.13 -3.39
N LYS A 71 -0.19 14.22 -3.29
CA LYS A 71 -0.16 13.14 -2.30
C LYS A 71 0.05 11.83 -3.05
N HIS A 72 1.26 11.27 -2.96
CA HIS A 72 1.61 10.05 -3.65
C HIS A 72 2.58 9.26 -2.80
N GLU A 73 2.58 7.94 -2.99
CA GLU A 73 3.47 7.09 -2.20
C GLU A 73 4.93 7.35 -2.50
N ASN A 74 5.24 7.90 -3.69
CA ASN A 74 6.60 8.17 -4.09
C ASN A 74 6.92 9.67 -4.11
N ILE A 75 6.13 10.45 -3.38
CA ILE A 75 6.40 11.87 -3.17
C ILE A 75 6.45 12.11 -1.67
N VAL A 76 7.46 12.87 -1.23
CA VAL A 76 7.65 13.11 0.20
C VAL A 76 6.36 13.65 0.80
N ALA A 77 5.92 13.06 1.90
CA ALA A 77 4.67 13.45 2.51
C ALA A 77 4.84 14.72 3.32
N LEU A 78 3.77 15.50 3.37
CA LEU A 78 3.71 16.73 4.16
C LEU A 78 2.68 16.50 5.26
N TYR A 79 3.15 16.17 6.47
CA TYR A 79 2.24 15.88 7.56
C TYR A 79 1.55 17.15 8.05
N ASP A 80 2.31 18.21 8.26
CA ASP A 80 1.76 19.48 8.74
C ASP A 80 2.71 20.61 8.34
N PHE A 81 2.26 21.84 8.59
CA PHE A 81 3.04 23.02 8.27
C PHE A 81 2.55 24.16 9.16
N GLN A 82 3.34 25.23 9.21
CA GLN A 82 2.95 26.40 9.98
C GLN A 82 3.46 27.65 9.27
N GLU A 83 2.55 28.37 8.61
N GLU A 83 2.55 28.39 8.63
CA GLU A 83 2.87 29.62 7.93
CA GLU A 83 2.88 29.61 7.92
C GLU A 83 2.46 30.79 8.80
C GLU A 83 2.46 30.80 8.76
N MET A 84 3.41 31.68 9.07
CA MET A 84 3.15 32.90 9.82
C MET A 84 3.78 34.05 9.05
N ALA A 85 3.69 35.26 9.60
CA ALA A 85 4.19 36.43 8.88
C ALA A 85 5.71 36.40 8.74
N ASN A 86 6.41 35.95 9.77
CA ASN A 86 7.86 36.05 9.79
C ASN A 86 8.58 34.70 9.79
N VAL A 88 8.07 30.18 8.57
CA VAL A 88 7.31 29.10 7.96
C VAL A 88 8.05 27.79 8.22
N TYR A 89 7.31 26.74 8.58
CA TYR A 89 7.88 25.43 8.88
C TYR A 89 7.09 24.35 8.17
N LEU A 90 7.78 23.27 7.82
CA LEU A 90 7.16 22.12 7.17
C LEU A 90 7.52 20.87 7.96
N VAL A 91 6.50 20.12 8.38
CA VAL A 91 6.68 18.85 9.05
C VAL A 91 6.50 17.75 8.00
N MET A 92 7.60 17.13 7.58
CA MET A 92 7.59 16.25 6.43
C MET A 92 8.02 14.84 6.81
N GLU A 93 7.81 13.94 5.85
CA GLU A 93 8.15 12.54 6.02
C GLU A 93 9.66 12.37 6.20
N TYR A 94 10.03 11.48 7.13
CA TYR A 94 11.41 11.10 7.34
C TYR A 94 11.71 9.81 6.59
N CYS A 95 12.88 9.75 5.97
CA CYS A 95 13.30 8.60 5.18
C CYS A 95 14.60 8.05 5.76
N ASN A 96 14.53 6.82 6.30
CA ASN A 96 15.68 6.26 7.01
C ASN A 96 16.85 5.95 6.09
N GLY A 97 16.63 5.85 4.78
CA GLY A 97 17.70 5.52 3.86
C GLY A 97 18.54 6.66 3.38
N GLY A 98 18.17 7.91 3.68
CA GLY A 98 18.90 9.06 3.19
C GLY A 98 18.53 9.40 1.77
N ASP A 99 19.32 10.27 1.16
CA ASP A 99 19.06 10.66 -0.21
C ASP A 99 19.86 9.79 -1.18
N LEU A 100 19.50 9.89 -2.47
CA LEU A 100 20.14 9.06 -3.47
C LEU A 100 21.61 9.42 -3.68
N ALA A 101 21.98 10.67 -3.42
CA ALA A 101 23.37 11.07 -3.59
C ALA A 101 24.28 10.35 -2.61
N ASP A 102 23.84 10.18 -1.36
CA ASP A 102 24.64 9.45 -0.39
C ASP A 102 24.70 7.96 -0.73
N TYR A 103 23.59 7.41 -1.22
CA TYR A 103 23.56 6.00 -1.61
C TYR A 103 24.51 5.73 -2.76
N LEU A 104 24.56 6.64 -3.74
CA LEU A 104 25.48 6.47 -4.86
C LEU A 104 26.93 6.64 -4.41
N HIS A 105 27.17 7.51 -3.43
CA HIS A 105 28.53 7.67 -2.90
C HIS A 105 29.03 6.42 -2.19
N ALA A 106 28.12 5.55 -1.75
CA ALA A 106 28.47 4.31 -1.06
C ALA A 106 28.42 3.10 -1.97
N MET A 107 27.42 3.00 -2.83
CA MET A 107 27.28 1.87 -3.74
C MET A 107 28.08 2.03 -5.03
N ARG A 108 28.51 3.25 -5.35
CA ARG A 108 29.23 3.58 -6.58
C ARG A 108 28.36 3.38 -7.82
N THR A 109 27.75 2.20 -7.95
CA THR A 109 26.89 1.90 -9.09
C THR A 109 25.74 1.02 -8.63
N LEU A 110 24.64 1.07 -9.36
CA LEU A 110 23.45 0.28 -9.05
C LEU A 110 23.16 -0.71 -10.17
N SER A 111 22.60 -1.85 -9.79
CA SER A 111 22.21 -2.84 -10.77
C SER A 111 21.07 -2.32 -11.64
N GLU A 112 20.93 -2.91 -12.82
CA GLU A 112 19.84 -2.54 -13.72
C GLU A 112 18.48 -2.83 -13.11
N ASP A 113 18.38 -3.90 -12.30
CA ASP A 113 17.12 -4.19 -11.63
C ASP A 113 16.83 -3.15 -10.55
N THR A 114 17.87 -2.67 -9.86
CA THR A 114 17.68 -1.62 -8.86
C THR A 114 17.26 -0.32 -9.52
N ILE A 115 17.89 0.03 -10.64
CA ILE A 115 17.50 1.22 -11.39
C ILE A 115 16.05 1.11 -11.84
N ARG A 116 15.68 -0.04 -12.40
CA ARG A 116 14.30 -0.25 -12.85
C ARG A 116 13.31 -0.08 -11.71
N LEU A 117 13.63 -0.63 -10.55
CA LEU A 117 12.75 -0.46 -9.38
C LEU A 117 12.63 1.00 -9.00
N PHE A 118 13.75 1.74 -9.00
CA PHE A 118 13.70 3.16 -8.68
C PHE A 118 12.94 3.93 -9.75
N LEU A 119 13.22 3.65 -11.02
CA LEU A 119 12.59 4.38 -12.11
C LEU A 119 11.09 4.12 -12.17
N GLN A 120 10.65 2.91 -11.78
CA GLN A 120 9.23 2.62 -11.75
C GLN A 120 8.50 3.53 -10.78
N GLN A 121 9.12 3.80 -9.63
CA GLN A 121 8.48 4.66 -8.63
C GLN A 121 8.53 6.13 -9.04
N ILE A 122 9.68 6.57 -9.57
CA ILE A 122 9.77 7.93 -10.08
C ILE A 122 8.74 8.15 -11.19
N ALA A 123 8.61 7.19 -12.11
CA ALA A 123 7.64 7.32 -13.18
C ALA A 123 6.22 7.41 -12.64
N GLY A 124 5.94 6.68 -11.56
CA GLY A 124 4.63 6.79 -10.94
C GLY A 124 4.38 8.17 -10.36
N ALA A 125 5.38 8.71 -9.66
CA ALA A 125 5.25 10.07 -9.13
C ALA A 125 5.13 11.09 -10.26
N MET A 126 5.95 10.94 -11.31
CA MET A 126 5.89 11.87 -12.43
C MET A 126 4.56 11.79 -13.15
N ARG A 127 3.91 10.62 -13.15
CA ARG A 127 2.59 10.49 -13.75
C ARG A 127 1.58 11.39 -13.06
N LEU A 128 1.69 11.54 -11.74
CA LEU A 128 0.81 12.44 -11.01
C LEU A 128 1.14 13.90 -11.33
N LEU A 129 2.42 14.26 -11.26
CA LEU A 129 2.83 15.61 -11.61
C LEU A 129 2.34 15.98 -13.01
N HIS A 130 2.53 15.10 -13.98
CA HIS A 130 2.12 15.39 -15.34
C HIS A 130 0.61 15.57 -15.44
N SER A 131 -0.16 14.68 -14.81
CA SER A 131 -1.62 14.81 -14.88
CA SER A 131 -1.62 14.80 -14.87
C SER A 131 -2.11 16.09 -14.20
N LYS A 132 -1.42 16.55 -13.16
CA LYS A 132 -1.80 17.80 -12.51
C LYS A 132 -1.25 19.04 -13.19
N GLY A 133 -0.36 18.87 -14.17
CA GLY A 133 0.23 20.02 -14.85
C GLY A 133 1.35 20.69 -14.09
N ILE A 134 2.09 19.95 -13.29
CA ILE A 134 3.15 20.48 -12.43
C ILE A 134 4.49 19.97 -12.93
N ILE A 135 5.48 20.86 -12.96
CA ILE A 135 6.86 20.49 -13.27
C ILE A 135 7.71 20.79 -12.03
N HIS A 136 8.69 19.92 -11.78
CA HIS A 136 9.47 19.95 -10.56
C HIS A 136 10.63 20.94 -10.61
N ARG A 137 11.50 20.80 -11.63
CA ARG A 137 12.59 21.71 -11.97
C ARG A 137 13.79 21.63 -11.05
N ASP A 138 13.83 20.68 -10.12
CA ASP A 138 15.01 20.51 -9.28
C ASP A 138 15.25 19.03 -8.99
N LEU A 139 15.16 18.21 -10.03
CA LEU A 139 15.36 16.77 -9.88
C LEU A 139 16.85 16.47 -9.90
N LYS A 140 17.35 15.86 -8.82
CA LYS A 140 18.74 15.47 -8.68
C LYS A 140 18.84 14.45 -7.56
N PRO A 141 19.91 13.65 -7.52
CA PRO A 141 20.00 12.60 -6.49
C PRO A 141 19.80 13.12 -5.07
N GLN A 142 20.28 14.33 -4.77
CA GLN A 142 20.09 14.88 -3.43
C GLN A 142 18.62 15.07 -3.10
N ASN A 143 17.76 15.24 -4.12
CA ASN A 143 16.33 15.43 -3.91
C ASN A 143 15.54 14.15 -4.12
N ILE A 144 16.21 13.01 -4.22
CA ILE A 144 15.57 11.70 -4.29
C ILE A 144 15.84 11.01 -2.96
N LEU A 145 14.77 10.71 -2.22
CA LEU A 145 14.89 10.12 -0.89
C LEU A 145 14.57 8.64 -0.93
N LEU A 146 15.23 7.88 -0.07
CA LEU A 146 15.09 6.44 0.00
C LEU A 146 14.58 6.01 1.37
N SER A 147 13.63 5.08 1.37
CA SER A 147 13.03 4.58 2.60
C SER A 147 12.89 3.07 2.48
N ASN A 148 13.50 2.34 3.41
N ASN A 148 13.51 2.34 3.41
CA ASN A 148 13.44 0.88 3.43
CA ASN A 148 13.44 0.88 3.42
C ASN A 148 12.65 0.41 4.63
C ASN A 148 12.65 0.41 4.63
N PRO A 149 11.46 -0.17 4.45
CA PRO A 149 10.67 -0.60 5.61
C PRO A 149 11.26 -1.78 6.37
N ALA A 150 12.12 -2.58 5.73
CA ALA A 150 12.71 -3.75 6.36
C ALA A 150 14.04 -3.45 7.04
N GLY A 151 14.34 -2.19 7.30
CA GLY A 151 15.57 -1.80 7.93
C GLY A 151 16.45 -0.99 7.00
N ARG A 152 17.22 -0.06 7.58
CA ARG A 152 18.04 0.84 6.78
C ARG A 152 19.14 0.12 6.01
N ARG A 153 19.45 -1.12 6.38
CA ARG A 153 20.47 -1.90 5.69
C ARG A 153 19.89 -3.14 5.01
N ALA A 154 18.59 -3.16 4.77
CA ALA A 154 17.92 -4.33 4.21
C ALA A 154 18.17 -4.39 2.70
N ASN A 155 17.39 -5.22 2.01
CA ASN A 155 17.61 -5.44 0.60
C ASN A 155 17.20 -4.21 -0.21
N PRO A 156 18.06 -3.71 -1.10
CA PRO A 156 17.66 -2.59 -1.97
C PRO A 156 16.54 -2.92 -2.94
N ASN A 157 16.07 -4.16 -2.90
CA ASN A 157 14.89 -4.56 -3.66
C ASN A 157 13.60 -4.08 -3.01
N SER A 158 13.62 -3.77 -1.72
CA SER A 158 12.43 -3.32 -1.01
C SER A 158 12.46 -1.82 -0.71
N ILE A 159 13.37 -1.08 -1.33
CA ILE A 159 13.49 0.35 -1.06
C ILE A 159 12.33 1.09 -1.72
N ARG A 160 11.71 2.01 -0.98
CA ARG A 160 10.73 2.92 -1.51
C ARG A 160 11.39 4.27 -1.77
N VAL A 161 11.11 4.86 -2.93
CA VAL A 161 11.74 6.08 -3.38
C VAL A 161 10.74 7.23 -3.29
N LYS A 162 11.20 8.38 -2.82
CA LYS A 162 10.35 9.56 -2.66
C LYS A 162 11.03 10.77 -3.28
N ILE A 163 10.32 11.48 -4.14
CA ILE A 163 10.80 12.73 -4.71
C ILE A 163 10.54 13.86 -3.72
N ALA A 164 11.55 14.71 -3.49
CA ALA A 164 11.47 15.76 -2.49
C ALA A 164 11.81 17.11 -3.11
N ASP A 165 11.74 18.16 -2.29
CA ASP A 165 12.13 19.52 -2.64
C ASP A 165 11.31 20.09 -3.79
N PHE A 166 10.11 20.58 -3.49
CA PHE A 166 9.20 21.12 -4.50
C PHE A 166 9.15 22.64 -4.48
N GLY A 167 10.16 23.30 -3.89
CA GLY A 167 10.13 24.75 -3.79
C GLY A 167 10.24 25.46 -5.13
N PHE A 168 10.87 24.83 -6.12
CA PHE A 168 10.98 25.40 -7.45
C PHE A 168 9.85 24.98 -8.37
N ALA A 169 8.95 24.11 -7.90
CA ALA A 169 7.89 23.59 -8.76
C ALA A 169 6.89 24.67 -9.12
N ARG A 170 6.25 24.50 -10.27
CA ARG A 170 5.26 25.45 -10.75
C ARG A 170 4.24 24.74 -11.61
N TYR A 171 3.05 25.32 -11.69
CA TYR A 171 2.09 24.89 -12.68
C TYR A 171 2.50 25.43 -14.04
N LEU A 172 2.38 24.60 -15.06
CA LEU A 172 2.65 24.99 -16.44
C LEU A 172 1.49 24.52 -17.31
N GLN A 173 0.71 25.47 -17.83
CA GLN A 173 -0.38 25.16 -18.72
C GLN A 173 0.13 24.44 -19.97
N SER A 174 -0.70 23.54 -20.50
CA SER A 174 -0.25 22.61 -21.54
C SER A 174 0.22 23.32 -22.80
N ASN A 175 -0.25 24.54 -23.06
CA ASN A 175 0.14 25.30 -24.24
C ASN A 175 1.10 26.45 -23.91
N MET A 176 1.71 26.44 -22.73
CA MET A 176 2.62 27.48 -22.31
CA MET A 176 2.62 27.48 -22.32
C MET A 176 4.00 26.90 -22.06
N MET A 177 5.00 27.79 -22.05
CA MET A 177 6.38 27.42 -21.76
CA MET A 177 6.38 27.42 -21.76
C MET A 177 6.88 28.23 -20.58
N ALA A 178 7.82 27.64 -19.84
CA ALA A 178 8.46 28.28 -18.71
C ALA A 178 9.80 28.87 -19.14
N ALA A 179 10.31 29.80 -18.35
CA ALA A 179 11.56 30.47 -18.70
C ALA A 179 12.38 30.85 -17.47
N LEU A 181 15.03 30.48 -14.61
CA LEU A 181 16.27 29.74 -14.44
C LEU A 181 16.44 29.26 -13.00
N CYS A 182 16.23 27.97 -12.78
CA CYS A 182 16.43 27.35 -11.48
C CYS A 182 16.90 25.93 -11.66
N GLY A 183 17.30 25.31 -10.55
CA GLY A 183 17.79 23.94 -10.55
C GLY A 183 19.30 23.88 -10.48
N SER A 184 19.82 22.64 -10.55
CA SER A 184 21.25 22.41 -10.51
C SER A 184 21.81 22.30 -11.92
N PRO A 185 22.86 23.07 -12.24
CA PRO A 185 23.35 23.12 -13.62
C PRO A 185 23.67 21.76 -14.23
N MET A 186 24.24 20.85 -13.44
CA MET A 186 24.60 19.54 -13.97
C MET A 186 23.37 18.73 -14.40
N TYR A 187 22.20 19.03 -13.85
CA TYR A 187 21.02 18.22 -14.09
C TYR A 187 19.93 18.92 -14.89
N MET A 188 20.11 20.18 -15.27
CA MET A 188 19.07 20.85 -16.04
C MET A 188 19.26 20.56 -17.53
N ALA A 189 18.14 20.53 -18.25
CA ALA A 189 18.17 20.24 -19.67
C ALA A 189 18.88 21.37 -20.42
N PRO A 190 19.42 21.07 -21.61
CA PRO A 190 20.13 22.12 -22.37
C PRO A 190 19.29 23.38 -22.58
N GLU A 191 17.99 23.23 -22.84
CA GLU A 191 17.16 24.41 -23.08
C GLU A 191 17.06 25.29 -21.84
N VAL A 192 17.12 24.70 -20.64
CA VAL A 192 17.04 25.50 -19.42
C VAL A 192 18.33 26.29 -19.22
N ILE A 193 19.47 25.63 -19.31
CA ILE A 193 20.74 26.30 -19.03
C ILE A 193 21.09 27.31 -20.12
N MET A 194 20.65 27.07 -21.36
CA MET A 194 20.86 28.00 -22.46
C MET A 194 19.83 29.13 -22.48
N SER A 195 19.13 29.38 -21.37
CA SER A 195 18.20 30.49 -21.23
C SER A 195 17.13 30.48 -22.31
N GLN A 196 16.55 29.31 -22.54
CA GLN A 196 15.49 29.13 -23.52
C GLN A 196 14.20 28.71 -22.81
N HIS A 197 13.09 28.81 -23.54
CA HIS A 197 11.83 28.31 -23.03
C HIS A 197 11.89 26.79 -22.88
N TYR A 198 11.09 26.26 -21.95
CA TYR A 198 11.10 24.82 -21.70
C TYR A 198 9.77 24.40 -21.10
N ASP A 199 9.53 23.10 -21.11
CA ASP A 199 8.28 22.52 -20.59
C ASP A 199 8.62 21.31 -19.72
N GLY A 200 7.63 20.45 -19.49
CA GLY A 200 7.80 19.30 -18.63
C GLY A 200 8.89 18.34 -19.08
N LYS A 201 9.25 18.38 -20.36
CA LYS A 201 10.31 17.50 -20.86
C LYS A 201 11.68 17.84 -20.28
N ALA A 202 11.83 19.03 -19.67
CA ALA A 202 13.08 19.33 -19.00
C ALA A 202 13.33 18.40 -17.81
N ASP A 203 12.26 18.09 -17.06
CA ASP A 203 12.39 17.12 -15.97
C ASP A 203 12.85 15.77 -16.48
N LEU A 204 12.38 15.37 -17.67
CA LEU A 204 12.74 14.05 -18.20
C LEU A 204 14.23 13.96 -18.50
N TRP A 205 14.84 15.06 -18.96
CA TRP A 205 16.29 15.09 -19.11
C TRP A 205 16.97 14.89 -17.76
N SER A 206 16.46 15.55 -16.71
CA SER A 206 17.03 15.38 -15.38
C SER A 206 16.93 13.93 -14.93
N ILE A 207 15.79 13.30 -15.17
CA ILE A 207 15.61 11.90 -14.78
C ILE A 207 16.57 11.00 -15.55
N GLY A 208 16.66 11.20 -16.87
CA GLY A 208 17.61 10.42 -17.65
C GLY A 208 19.04 10.64 -17.21
N THR A 209 19.38 11.86 -16.78
CA THR A 209 20.70 12.12 -16.24
C THR A 209 20.91 11.35 -14.94
N ILE A 210 19.90 11.32 -14.07
CA ILE A 210 19.99 10.57 -12.83
C ILE A 210 20.15 9.08 -13.12
N VAL A 211 19.35 8.56 -14.05
CA VAL A 211 19.43 7.14 -14.39
C VAL A 211 20.80 6.81 -14.97
N TYR A 212 21.33 7.71 -15.81
CA TYR A 212 22.68 7.51 -16.33
C TYR A 212 23.71 7.47 -15.21
N GLN A 213 23.54 8.34 -14.21
CA GLN A 213 24.49 8.38 -13.10
C GLN A 213 24.39 7.11 -12.24
N CYS A 214 23.18 6.60 -12.05
CA CYS A 214 23.03 5.34 -11.31
C CYS A 214 23.65 4.18 -12.05
N LEU A 215 23.74 4.26 -13.38
CA LEU A 215 24.24 3.15 -14.18
C LEU A 215 25.76 3.16 -14.28
N THR A 216 26.32 4.29 -14.67
CA THR A 216 27.76 4.40 -14.91
C THR A 216 28.52 5.00 -13.73
N GLY A 217 27.82 5.56 -12.74
CA GLY A 217 28.49 6.20 -11.63
C GLY A 217 28.95 7.62 -11.90
N LYS A 218 28.71 8.15 -13.09
CA LYS A 218 29.17 9.49 -13.46
C LYS A 218 28.09 10.20 -14.24
N ALA A 219 28.28 11.51 -14.41
CA ALA A 219 27.34 12.29 -15.20
C ALA A 219 27.55 12.02 -16.69
N PRO A 220 26.49 12.09 -17.49
CA PRO A 220 26.65 11.79 -18.93
C PRO A 220 27.48 12.83 -19.66
N PHE A 221 27.44 14.08 -19.23
CA PHE A 221 28.12 15.17 -19.91
C PHE A 221 28.90 15.98 -18.90
N GLN A 222 30.22 15.82 -18.90
CA GLN A 222 31.09 16.47 -17.93
C GLN A 222 31.38 17.91 -18.33
N ALA A 223 31.71 18.72 -17.33
CA ALA A 223 32.10 20.10 -17.54
C ALA A 223 32.81 20.62 -16.29
N SER A 224 33.61 21.66 -16.48
CA SER A 224 34.35 22.24 -15.37
C SER A 224 33.48 23.23 -14.59
N SER A 225 32.62 23.96 -15.27
CA SER A 225 31.77 24.96 -14.64
C SER A 225 30.44 24.99 -15.37
N PRO A 226 29.40 25.58 -14.77
CA PRO A 226 28.13 25.74 -15.50
C PRO A 226 28.29 26.48 -16.82
N GLN A 227 29.14 27.49 -16.87
CA GLN A 227 29.36 28.22 -18.11
C GLN A 227 29.99 27.32 -19.16
N ASP A 228 30.90 26.43 -18.75
CA ASP A 228 31.51 25.51 -19.70
C ASP A 228 30.49 24.47 -20.17
N LEU A 229 29.61 24.03 -19.29
CA LEU A 229 28.57 23.08 -19.68
C LEU A 229 27.63 23.70 -20.71
N ARG A 230 27.23 24.95 -20.49
CA ARG A 230 26.33 25.60 -21.45
C ARG A 230 27.04 25.90 -22.76
N LEU A 231 28.36 26.13 -22.74
CA LEU A 231 29.10 26.32 -23.98
C LEU A 231 29.21 24.99 -24.73
N PHE A 232 29.38 23.89 -23.99
CA PHE A 232 29.40 22.58 -24.64
C PHE A 232 28.05 22.25 -25.26
N TYR A 233 26.96 22.52 -24.53
CA TYR A 233 25.63 22.31 -25.09
C TYR A 233 25.40 23.19 -26.32
N GLU A 234 25.96 24.41 -26.31
CA GLU A 234 25.82 25.29 -27.47
C GLU A 234 26.64 24.78 -28.66
N LYS A 235 27.89 24.37 -28.41
CA LYS A 235 28.78 24.00 -29.51
C LYS A 235 28.33 22.70 -30.18
N ASN A 236 27.85 21.75 -29.40
CA ASN A 236 27.46 20.43 -29.90
C ASN A 236 25.96 20.45 -30.13
N LYS A 237 25.54 20.65 -31.38
CA LYS A 237 24.12 20.65 -31.71
C LYS A 237 23.52 19.25 -31.58
N THR A 238 24.34 18.21 -31.54
CA THR A 238 23.90 16.86 -31.24
C THR A 238 24.69 16.34 -30.04
N LEU A 239 24.08 15.44 -29.28
CA LEU A 239 24.66 14.92 -28.06
C LEU A 239 24.74 13.41 -28.11
N VAL A 240 25.94 12.88 -27.86
CA VAL A 240 26.17 11.44 -27.91
C VAL A 240 26.53 10.95 -26.52
N PRO A 241 25.57 10.46 -25.73
CA PRO A 241 25.90 9.88 -24.42
C PRO A 241 26.51 8.49 -24.61
N THR A 242 27.69 8.29 -24.05
CA THR A 242 28.36 7.00 -24.13
C THR A 242 27.69 6.03 -23.16
N ILE A 243 27.16 4.94 -23.70
CA ILE A 243 26.46 3.92 -22.91
C ILE A 243 27.28 2.64 -22.97
N PRO A 244 27.57 2.00 -21.84
CA PRO A 244 28.43 0.80 -21.86
C PRO A 244 27.80 -0.34 -22.64
N ARG A 245 28.67 -1.24 -23.09
CA ARG A 245 28.23 -2.38 -23.90
C ARG A 245 27.32 -3.32 -23.13
N GLU A 246 27.56 -3.48 -21.83
CA GLU A 246 26.77 -4.42 -21.03
C GLU A 246 25.35 -3.94 -20.77
N THR A 247 25.03 -2.69 -21.12
CA THR A 247 23.69 -2.16 -20.88
C THR A 247 22.65 -2.91 -21.72
N SER A 248 21.58 -3.34 -21.05
CA SER A 248 20.49 -4.02 -21.76
C SER A 248 19.88 -3.10 -22.80
N ALA A 249 19.33 -3.72 -23.85
CA ALA A 249 18.75 -2.95 -24.95
C ALA A 249 17.61 -2.03 -24.51
N PRO A 250 16.67 -2.44 -23.65
CA PRO A 250 15.63 -1.47 -23.23
C PRO A 250 16.18 -0.27 -22.47
N LEU A 251 17.16 -0.48 -21.60
CA LEU A 251 17.77 0.64 -20.91
C LEU A 251 18.57 1.52 -21.86
N ARG A 252 19.13 0.93 -22.93
CA ARG A 252 19.88 1.70 -23.90
C ARG A 252 18.99 2.71 -24.61
N GLN A 253 17.85 2.25 -25.12
CA GLN A 253 16.94 3.16 -25.83
C GLN A 253 16.32 4.19 -24.90
N LEU A 254 16.07 3.82 -23.64
CA LEU A 254 15.50 4.77 -22.70
C LEU A 254 16.45 5.94 -22.45
N LEU A 255 17.73 5.64 -22.25
CA LEU A 255 18.70 6.70 -21.96
C LEU A 255 18.93 7.58 -23.18
N LEU A 256 19.00 6.98 -24.38
CA LEU A 256 19.25 7.75 -25.59
C LEU A 256 18.09 8.69 -25.91
N ALA A 257 16.86 8.26 -25.63
CA ALA A 257 15.70 9.09 -25.91
C ALA A 257 15.44 10.12 -24.82
N LEU A 258 15.90 9.87 -23.59
CA LEU A 258 15.75 10.85 -22.53
C LEU A 258 16.82 11.92 -22.60
N LEU A 259 18.03 11.56 -23.02
CA LEU A 259 19.15 12.49 -23.09
C LEU A 259 19.27 13.15 -24.45
N GLN A 260 18.16 13.34 -25.16
CA GLN A 260 18.18 14.09 -26.40
C GLN A 260 18.39 15.57 -26.10
N ARG A 261 19.24 16.21 -26.91
CA ARG A 261 19.54 17.62 -26.69
C ARG A 261 18.31 18.49 -26.95
N ASN A 262 17.69 18.32 -28.12
CA ASN A 262 16.52 19.11 -28.48
C ASN A 262 15.29 18.53 -27.79
N HIS A 263 14.60 19.36 -27.01
CA HIS A 263 13.41 18.88 -26.30
C HIS A 263 12.33 18.41 -27.27
N LYS A 264 12.31 18.97 -28.48
CA LYS A 264 11.35 18.52 -29.48
C LYS A 264 11.58 17.06 -29.86
N ASP A 265 12.83 16.59 -29.81
CA ASP A 265 13.16 15.21 -30.09
C ASP A 265 13.18 14.33 -28.86
N ARG A 266 13.16 14.92 -27.66
CA ARG A 266 13.26 14.14 -26.44
C ARG A 266 12.01 13.29 -26.24
N MET A 267 12.18 12.19 -25.50
CA MET A 267 11.07 11.32 -25.15
C MET A 267 9.96 12.11 -24.46
N ASP A 268 8.72 11.72 -24.72
CA ASP A 268 7.58 12.33 -24.07
C ASP A 268 7.10 11.45 -22.91
N PHE A 269 6.09 11.94 -22.20
CA PHE A 269 5.65 11.31 -20.96
C PHE A 269 4.95 9.98 -21.23
N ASP A 270 4.04 9.95 -22.20
CA ASP A 270 3.27 8.74 -22.46
C ASP A 270 4.18 7.58 -22.82
N GLU A 271 5.17 7.83 -23.68
CA GLU A 271 6.13 6.80 -24.04
C GLU A 271 7.09 6.49 -22.89
N PHE A 272 7.26 7.43 -21.96
CA PHE A 272 8.09 7.20 -20.78
C PHE A 272 7.36 6.34 -19.74
N PHE A 273 6.07 6.62 -19.50
CA PHE A 273 5.32 5.87 -18.51
C PHE A 273 5.12 4.41 -18.89
N HIS A 274 5.21 4.08 -20.18
CA HIS A 274 4.96 2.72 -20.66
C HIS A 274 6.20 2.13 -21.34
N HIS A 275 7.38 2.59 -20.94
CA HIS A 275 8.60 2.15 -21.61
C HIS A 275 8.87 0.68 -21.29
N PRO A 276 9.34 -0.10 -22.27
CA PRO A 276 9.60 -1.53 -22.02
C PRO A 276 10.61 -1.78 -20.91
N PHE A 277 11.55 -0.86 -20.67
CA PHE A 277 12.51 -1.06 -19.59
C PHE A 277 11.84 -1.14 -18.23
N LEU A 278 10.74 -0.41 -18.04
CA LEU A 278 10.00 -0.49 -16.79
C LEU A 278 9.18 -1.76 -16.67
N ASP A 279 8.92 -2.45 -17.79
CA ASP A 279 8.14 -3.67 -17.73
C ASP A 279 8.87 -4.74 -16.93
N ALA A 280 8.13 -5.46 -16.10
CA ALA A 280 8.72 -6.45 -15.21
C ALA A 280 9.40 -7.55 -16.01
N SER A 281 10.64 -7.89 -15.61
CA SER A 281 11.41 -8.93 -16.27
C SER A 281 10.98 -10.32 -15.77
N THR B 8 -9.88 10.42 23.48
CA THR B 8 -9.18 9.89 22.31
C THR B 8 -7.83 9.29 22.71
N GLU B 9 -7.66 8.00 22.42
CA GLU B 9 -6.48 7.26 22.84
C GLU B 9 -5.44 7.18 21.74
N THR B 10 -4.21 6.86 22.14
CA THR B 10 -3.07 6.74 21.25
C THR B 10 -2.42 5.38 21.43
N VAL B 11 -2.17 4.69 20.33
CA VAL B 11 -1.47 3.41 20.32
C VAL B 11 -0.25 3.57 19.42
N GLY B 12 0.93 3.78 20.02
CA GLY B 12 2.13 3.92 19.22
C GLY B 12 2.05 5.13 18.33
N LYS B 13 2.35 4.93 17.04
CA LYS B 13 2.30 5.99 16.04
C LYS B 13 0.90 6.22 15.50
N PHE B 14 -0.14 5.72 16.16
CA PHE B 14 -1.51 5.83 15.67
C PHE B 14 -2.41 6.39 16.77
N GLU B 15 -3.63 6.76 16.36
CA GLU B 15 -4.61 7.32 17.27
C GLU B 15 -5.99 6.90 16.81
N PHE B 16 -6.95 6.95 17.73
CA PHE B 16 -8.32 6.58 17.40
C PHE B 16 -9.25 7.20 18.45
N SER B 17 -10.53 7.26 18.10
CA SER B 17 -11.56 7.78 18.98
C SER B 17 -12.55 6.67 19.30
N ARG B 18 -12.85 6.49 20.59
CA ARG B 18 -13.79 5.47 21.02
C ARG B 18 -15.22 5.73 20.53
N LYS B 19 -15.47 6.88 19.93
CA LYS B 19 -16.80 7.19 19.41
C LYS B 19 -17.04 6.56 18.03
N ASP B 20 -15.97 6.21 17.31
CA ASP B 20 -16.10 5.69 15.95
C ASP B 20 -16.05 4.16 15.98
N LEU B 21 -17.09 3.59 16.60
CA LEU B 21 -17.24 2.13 16.62
C LEU B 21 -17.45 1.64 15.20
N ILE B 22 -16.48 0.90 14.68
CA ILE B 22 -16.53 0.43 13.30
C ILE B 22 -16.80 -1.07 13.20
N GLY B 23 -16.74 -1.79 14.32
CA GLY B 23 -16.99 -3.21 14.34
C GLY B 23 -16.85 -3.76 15.75
N HIS B 24 -17.61 -4.80 16.09
CA HIS B 24 -17.56 -5.33 17.44
C HIS B 24 -18.00 -6.79 17.43
N GLY B 25 -17.40 -7.56 18.34
CA GLY B 25 -17.77 -8.94 18.56
C GLY B 25 -17.83 -9.23 20.04
N ALA B 26 -18.01 -10.49 20.42
CA ALA B 26 -18.10 -10.84 21.84
C ALA B 26 -16.77 -10.65 22.56
N PHE B 27 -15.66 -10.59 21.85
CA PHE B 27 -14.34 -10.49 22.47
C PHE B 27 -13.47 -9.40 21.86
N ALA B 28 -14.07 -8.41 21.21
CA ALA B 28 -13.29 -7.36 20.56
C ALA B 28 -14.19 -6.20 20.18
N VAL B 29 -13.61 -4.99 20.20
CA VAL B 29 -14.22 -3.80 19.64
C VAL B 29 -13.21 -3.17 18.70
N VAL B 30 -13.65 -2.77 17.50
CA VAL B 30 -12.79 -2.16 16.50
C VAL B 30 -13.23 -0.71 16.32
N PHE B 31 -12.26 0.20 16.36
CA PHE B 31 -12.51 1.62 16.22
C PHE B 31 -11.76 2.17 15.02
N LYS B 32 -12.40 3.10 14.31
CA LYS B 32 -11.74 3.78 13.21
C LYS B 32 -10.67 4.72 13.74
N GLY B 33 -9.49 4.67 13.14
CA GLY B 33 -8.40 5.52 13.56
C GLY B 33 -7.58 6.06 12.41
N ARG B 34 -6.38 6.56 12.71
CA ARG B 34 -5.51 7.12 11.69
C ARG B 34 -4.10 7.24 12.25
N HIS B 35 -3.13 7.32 11.35
CA HIS B 35 -1.76 7.62 11.75
C HIS B 35 -1.70 9.02 12.35
N ARG B 36 -0.85 9.17 13.38
CA ARG B 36 -0.78 10.44 14.09
C ARG B 36 -0.25 11.55 13.19
N ALA B 37 0.75 11.25 12.35
CA ALA B 37 1.29 12.25 11.44
C ALA B 37 0.54 12.25 10.10
N ALA B 38 0.55 11.12 9.40
CA ALA B 38 -0.15 10.99 8.12
C ALA B 38 -1.62 10.70 8.40
N HIS B 39 -2.40 11.76 8.57
CA HIS B 39 -3.83 11.62 8.88
C HIS B 39 -4.61 10.96 7.77
N ASP B 40 -4.04 10.85 6.56
CA ASP B 40 -4.74 10.23 5.45
C ASP B 40 -4.77 8.71 5.56
N LEU B 41 -3.78 8.12 6.23
CA LEU B 41 -3.74 6.68 6.41
C LEU B 41 -4.76 6.30 7.49
N GLU B 42 -5.86 5.69 7.07
CA GLU B 42 -6.89 5.22 8.00
C GLU B 42 -6.58 3.80 8.44
N VAL B 43 -6.90 3.49 9.70
CA VAL B 43 -6.64 2.19 10.29
C VAL B 43 -7.86 1.77 11.09
N ALA B 44 -7.87 0.51 11.52
CA ALA B 44 -8.92 -0.05 12.37
C ALA B 44 -8.24 -0.63 13.60
N VAL B 45 -8.45 0.01 14.75
CA VAL B 45 -7.79 -0.39 15.99
C VAL B 45 -8.68 -1.37 16.74
N LYS B 46 -8.19 -2.60 16.89
CA LYS B 46 -8.91 -3.66 17.58
C LYS B 46 -8.50 -3.68 19.05
N CYS B 47 -9.49 -3.62 19.95
CA CYS B 47 -9.25 -3.56 21.38
C CYS B 47 -10.03 -4.66 22.10
N ILE B 48 -9.81 -4.72 23.41
CA ILE B 48 -10.48 -5.72 24.24
C ILE B 48 -11.95 -5.34 24.42
N ASN B 49 -12.81 -6.36 24.41
CA ASN B 49 -14.19 -6.19 24.86
C ASN B 49 -14.23 -6.37 26.38
N LYS B 50 -14.78 -5.37 27.07
CA LYS B 50 -14.69 -5.32 28.53
C LYS B 50 -15.40 -6.49 29.19
N LYS B 51 -16.48 -6.98 28.58
CA LYS B 51 -17.33 -7.98 29.26
C LYS B 51 -16.53 -9.24 29.60
N ASN B 52 -15.78 -9.77 28.65
CA ASN B 52 -14.91 -10.92 28.87
C ASN B 52 -13.47 -10.50 28.60
N LEU B 53 -12.89 -9.73 29.53
CA LEU B 53 -11.59 -9.12 29.27
C LEU B 53 -10.46 -10.14 29.31
N ALA B 54 -10.56 -11.17 30.15
CA ALA B 54 -9.50 -12.18 30.23
C ALA B 54 -9.41 -12.96 28.92
N LYS B 55 -10.55 -13.45 28.43
CA LYS B 55 -10.54 -14.20 27.17
C LYS B 55 -10.25 -13.29 25.98
N SER B 56 -10.72 -12.03 26.03
CA SER B 56 -10.49 -11.12 24.92
C SER B 56 -9.01 -10.81 24.76
N GLN B 57 -8.31 -10.57 25.88
CA GLN B 57 -6.87 -10.34 25.83
C GLN B 57 -6.14 -11.56 25.23
N THR B 58 -6.62 -12.76 25.56
CA THR B 58 -5.98 -13.96 25.04
C THR B 58 -6.19 -14.10 23.54
N LEU B 59 -7.42 -13.90 23.07
CA LEU B 59 -7.71 -14.07 21.65
C LEU B 59 -7.04 -12.99 20.82
N LEU B 60 -6.98 -11.76 21.33
CA LEU B 60 -6.28 -10.70 20.62
C LEU B 60 -4.79 -11.01 20.52
N GLY B 61 -4.21 -11.57 21.59
CA GLY B 61 -2.81 -11.97 21.53
C GLY B 61 -2.56 -13.09 20.54
N LYS B 62 -3.46 -14.07 20.48
CA LYS B 62 -3.33 -15.14 19.49
C LYS B 62 -3.47 -14.60 18.07
N GLU B 63 -4.41 -13.67 17.86
CA GLU B 63 -4.58 -13.10 16.53
C GLU B 63 -3.30 -12.40 16.08
N ILE B 64 -2.58 -11.77 17.02
CA ILE B 64 -1.31 -11.13 16.67
C ILE B 64 -0.32 -12.17 16.17
N LYS B 65 -0.19 -13.29 16.89
CA LYS B 65 0.78 -14.30 16.51
C LYS B 65 0.46 -14.93 15.16
N ILE B 66 -0.82 -15.11 14.86
CA ILE B 66 -1.21 -15.70 13.58
C ILE B 66 -1.05 -14.70 12.45
N LEU B 67 -1.53 -13.47 12.64
CA LEU B 67 -1.51 -12.48 11.57
C LEU B 67 -0.09 -11.99 11.26
N LYS B 68 0.87 -12.22 12.16
CA LYS B 68 2.25 -11.87 11.88
C LYS B 68 2.81 -12.68 10.72
N GLU B 69 2.26 -13.88 10.48
CA GLU B 69 2.75 -14.79 9.45
C GLU B 69 1.91 -14.77 8.19
N LEU B 70 0.80 -14.04 8.18
CA LEU B 70 -0.14 -14.06 7.05
C LEU B 70 -0.11 -12.69 6.38
N LYS B 71 0.72 -12.56 5.35
CA LYS B 71 0.83 -11.33 4.56
C LYS B 71 0.23 -11.62 3.19
N HIS B 72 -0.96 -11.09 2.94
CA HIS B 72 -1.64 -11.35 1.67
C HIS B 72 -2.61 -10.21 1.40
N GLU B 73 -2.76 -9.89 0.11
CA GLU B 73 -3.63 -8.78 -0.27
C GLU B 73 -5.11 -9.06 0.01
N ASN B 74 -5.48 -10.32 0.21
CA ASN B 74 -6.84 -10.70 0.54
C ASN B 74 -6.98 -11.15 1.99
N ILE B 75 -6.03 -10.77 2.83
CA ILE B 75 -6.09 -10.97 4.27
C ILE B 75 -5.89 -9.61 4.93
N VAL B 76 -6.71 -9.32 5.94
CA VAL B 76 -6.62 -8.02 6.61
C VAL B 76 -5.19 -7.79 7.07
N ALA B 77 -4.67 -6.61 6.76
CA ALA B 77 -3.28 -6.30 7.08
C ALA B 77 -3.16 -5.89 8.53
N LEU B 78 -2.07 -6.32 9.16
CA LEU B 78 -1.73 -5.94 10.52
C LEU B 78 -0.59 -4.94 10.43
N TYR B 79 -0.92 -3.65 10.44
CA TYR B 79 0.10 -2.62 10.36
C TYR B 79 1.02 -2.65 11.56
N ASP B 80 0.44 -2.63 12.76
CA ASP B 80 1.20 -2.64 13.99
C ASP B 80 0.36 -3.27 15.09
N PHE B 81 0.95 -3.41 16.26
CA PHE B 81 0.28 -3.97 17.42
C PHE B 81 1.09 -3.58 18.65
N GLN B 82 0.47 -3.74 19.82
CA GLN B 82 1.14 -3.47 21.08
C GLN B 82 0.68 -4.49 22.11
N GLU B 83 1.62 -5.28 22.62
CA GLU B 83 1.34 -6.31 23.60
C GLU B 83 2.07 -5.97 24.88
N MET B 84 1.33 -5.77 25.96
CA MET B 84 1.90 -5.50 27.28
C MET B 84 1.25 -6.44 28.29
N ALA B 85 1.70 -6.33 29.55
CA ALA B 85 1.26 -7.27 30.57
C ALA B 85 -0.25 -7.18 30.81
N ASN B 86 -0.82 -5.98 30.69
CA ASN B 86 -2.24 -5.81 30.98
C ASN B 86 -3.01 -5.12 29.85
N VAL B 88 -3.51 -4.96 25.27
CA VAL B 88 -3.22 -5.44 23.93
C VAL B 88 -4.09 -4.71 22.91
N TYR B 89 -3.45 -4.18 21.86
CA TYR B 89 -4.13 -3.48 20.79
C TYR B 89 -3.62 -4.00 19.45
N LEU B 90 -4.47 -3.91 18.43
CA LEU B 90 -4.11 -4.30 17.07
C LEU B 90 -4.44 -3.15 16.14
N VAL B 91 -3.41 -2.61 15.48
CA VAL B 91 -3.58 -1.56 14.47
C VAL B 91 -3.63 -2.24 13.11
N MET B 92 -4.80 -2.24 12.49
CA MET B 92 -5.04 -3.06 11.32
C MET B 92 -5.58 -2.24 10.17
N GLU B 93 -5.76 -2.91 9.04
CA GLU B 93 -6.24 -2.29 7.82
C GLU B 93 -7.67 -1.78 7.98
N TYR B 94 -7.94 -0.61 7.43
CA TYR B 94 -9.28 -0.06 7.33
C TYR B 94 -9.80 -0.27 5.92
N CYS B 95 -10.99 -0.86 5.79
CA CYS B 95 -11.61 -1.16 4.51
C CYS B 95 -12.86 -0.30 4.36
N ASN B 96 -12.86 0.57 3.35
CA ASN B 96 -13.91 1.57 3.22
C ASN B 96 -15.27 0.97 2.87
N GLY B 97 -15.30 -0.26 2.34
CA GLY B 97 -16.56 -0.86 1.95
C GLY B 97 -17.33 -1.56 3.05
N GLY B 98 -16.75 -1.70 4.24
CA GLY B 98 -17.42 -2.39 5.31
C GLY B 98 -17.27 -3.90 5.20
N ASP B 99 -18.12 -4.61 5.93
CA ASP B 99 -18.09 -6.07 5.92
C ASP B 99 -19.13 -6.63 4.97
N LEU B 100 -19.01 -7.93 4.68
CA LEU B 100 -19.92 -8.58 3.75
C LEU B 100 -21.33 -8.66 4.31
N ALA B 101 -21.47 -8.68 5.64
CA ALA B 101 -22.81 -8.77 6.23
C ALA B 101 -23.64 -7.53 5.91
N ASP B 102 -23.04 -6.35 5.98
CA ASP B 102 -23.75 -5.13 5.62
C ASP B 102 -23.99 -5.06 4.12
N TYR B 103 -23.03 -5.55 3.32
CA TYR B 103 -23.18 -5.52 1.88
C TYR B 103 -24.32 -6.44 1.42
N LEU B 104 -24.46 -7.59 2.08
CA LEU B 104 -25.60 -8.46 1.77
C LEU B 104 -26.90 -7.88 2.28
N HIS B 105 -26.85 -7.10 3.38
CA HIS B 105 -28.05 -6.46 3.88
C HIS B 105 -28.63 -5.49 2.86
N ALA B 106 -27.78 -4.84 2.07
CA ALA B 106 -28.26 -3.90 1.07
C ALA B 106 -28.64 -4.59 -0.23
N MET B 107 -27.74 -5.43 -0.77
CA MET B 107 -27.96 -6.05 -2.06
C MET B 107 -28.90 -7.25 -2.02
N ARG B 108 -29.30 -7.69 -0.83
CA ARG B 108 -30.17 -8.86 -0.67
C ARG B 108 -29.51 -10.12 -1.21
N THR B 109 -29.24 -10.15 -2.52
CA THR B 109 -28.51 -11.24 -3.16
C THR B 109 -27.40 -10.66 -4.02
N LEU B 110 -26.50 -11.52 -4.47
CA LEU B 110 -25.38 -11.13 -5.31
C LEU B 110 -25.43 -11.90 -6.63
N SER B 111 -24.91 -11.26 -7.68
CA SER B 111 -24.81 -11.91 -8.98
C SER B 111 -23.69 -12.95 -8.96
N GLU B 112 -23.83 -13.95 -9.82
CA GLU B 112 -22.82 -15.01 -9.89
C GLU B 112 -21.47 -14.46 -10.34
N ASP B 113 -21.47 -13.38 -11.12
CA ASP B 113 -20.22 -12.76 -11.52
C ASP B 113 -19.52 -12.11 -10.33
N THR B 114 -20.29 -11.44 -9.47
CA THR B 114 -19.72 -10.87 -8.26
C THR B 114 -19.29 -11.97 -7.29
N ILE B 115 -20.08 -13.05 -7.19
CA ILE B 115 -19.73 -14.17 -6.33
C ILE B 115 -18.41 -14.80 -6.79
N ARG B 116 -18.20 -14.88 -8.11
CA ARG B 116 -16.98 -15.47 -8.64
C ARG B 116 -15.75 -14.67 -8.24
N LEU B 117 -15.81 -13.34 -8.42
CA LEU B 117 -14.65 -12.52 -8.11
C LEU B 117 -14.35 -12.52 -6.62
N PHE B 118 -15.39 -12.51 -5.78
CA PHE B 118 -15.17 -12.59 -4.34
C PHE B 118 -14.55 -13.91 -3.96
N LEU B 119 -15.03 -15.01 -4.55
CA LEU B 119 -14.50 -16.32 -4.22
C LEU B 119 -13.08 -16.52 -4.74
N GLN B 120 -12.74 -15.90 -5.87
CA GLN B 120 -11.37 -15.95 -6.37
C GLN B 120 -10.40 -15.39 -5.33
N GLN B 121 -10.79 -14.31 -4.65
CA GLN B 121 -9.94 -13.71 -3.64
C GLN B 121 -9.94 -14.51 -2.35
N ILE B 122 -11.11 -15.02 -1.95
CA ILE B 122 -11.18 -15.88 -0.77
C ILE B 122 -10.33 -17.13 -0.97
N ALA B 123 -10.40 -17.73 -2.16
CA ALA B 123 -9.59 -18.90 -2.45
C ALA B 123 -8.10 -18.56 -2.47
N GLY B 124 -7.75 -17.37 -2.96
CA GLY B 124 -6.36 -16.95 -2.92
C GLY B 124 -5.83 -16.84 -1.50
N ALA B 125 -6.64 -16.27 -0.60
CA ALA B 125 -6.25 -16.22 0.80
C ALA B 125 -6.23 -17.61 1.42
N MET B 126 -7.21 -18.44 1.09
CA MET B 126 -7.25 -19.81 1.60
C MET B 126 -6.04 -20.61 1.15
N ARG B 127 -5.49 -20.28 -0.02
N ARG B 127 -5.50 -20.29 -0.03
CA ARG B 127 -4.29 -20.99 -0.49
CA ARG B 127 -4.29 -20.97 -0.50
C ARG B 127 -3.10 -20.74 0.43
C ARG B 127 -3.12 -20.74 0.45
N LEU B 128 -2.94 -19.51 0.91
CA LEU B 128 -1.85 -19.21 1.83
C LEU B 128 -2.09 -19.86 3.19
N LEU B 129 -3.32 -19.81 3.69
CA LEU B 129 -3.64 -20.45 4.96
C LEU B 129 -3.35 -21.95 4.91
N HIS B 130 -3.79 -22.61 3.83
CA HIS B 130 -3.59 -24.04 3.72
C HIS B 130 -2.11 -24.40 3.60
N SER B 131 -1.35 -23.62 2.84
CA SER B 131 0.08 -23.88 2.72
CA SER B 131 0.08 -23.89 2.72
C SER B 131 0.83 -23.60 4.02
N LYS B 132 0.31 -22.69 4.84
CA LYS B 132 0.93 -22.38 6.12
C LYS B 132 0.45 -23.30 7.24
N GLY B 133 -0.55 -24.14 6.98
CA GLY B 133 -1.06 -25.02 8.01
C GLY B 133 -1.94 -24.34 9.04
N ILE B 134 -2.64 -23.28 8.65
CA ILE B 134 -3.50 -22.51 9.54
C ILE B 134 -4.95 -22.71 9.11
N ILE B 135 -5.82 -22.93 10.09
CA ILE B 135 -7.26 -22.95 9.88
C ILE B 135 -7.85 -21.72 10.55
N HIS B 136 -8.88 -21.13 9.94
CA HIS B 136 -9.45 -19.87 10.41
C HIS B 136 -10.49 -20.07 11.50
N ARG B 137 -11.49 -20.93 11.25
CA ARG B 137 -12.51 -21.38 12.19
C ARG B 137 -13.55 -20.31 12.54
N ASP B 138 -13.58 -19.18 11.83
CA ASP B 138 -14.62 -18.19 12.08
C ASP B 138 -14.94 -17.44 10.79
N LEU B 139 -15.17 -18.18 9.70
CA LEU B 139 -15.46 -17.58 8.42
C LEU B 139 -16.96 -17.29 8.32
N LYS B 140 -17.30 -16.01 8.22
CA LYS B 140 -18.69 -15.56 8.13
C LYS B 140 -18.69 -14.20 7.44
N PRO B 141 -19.85 -13.77 6.90
CA PRO B 141 -19.88 -12.47 6.21
C PRO B 141 -19.42 -11.32 7.07
N GLN B 142 -19.69 -11.34 8.38
N GLN B 142 -19.70 -11.33 8.38
CA GLN B 142 -19.24 -10.27 9.27
CA GLN B 142 -19.24 -10.27 9.26
C GLN B 142 -17.72 -10.20 9.37
C GLN B 142 -17.72 -10.18 9.33
N ASN B 143 -17.01 -11.28 9.02
CA ASN B 143 -15.56 -11.32 9.10
C ASN B 143 -14.90 -11.24 7.72
N ILE B 144 -15.66 -10.89 6.69
CA ILE B 144 -15.12 -10.68 5.35
C ILE B 144 -15.27 -9.20 5.04
N LEU B 145 -14.14 -8.52 4.87
CA LEU B 145 -14.11 -7.08 4.64
C LEU B 145 -13.98 -6.77 3.16
N LEU B 146 -14.58 -5.66 2.75
CA LEU B 146 -14.55 -5.22 1.37
C LEU B 146 -13.94 -3.83 1.30
N SER B 147 -13.07 -3.62 0.31
CA SER B 147 -12.39 -2.34 0.17
C SER B 147 -12.21 -2.03 -1.32
N ASN B 148 -12.48 -0.79 -1.68
CA ASN B 148 -12.30 -0.31 -3.04
C ASN B 148 -11.29 0.83 -3.05
N PRO B 149 -10.16 0.70 -3.73
CA PRO B 149 -9.26 1.85 -3.87
C PRO B 149 -9.96 3.02 -4.54
N ALA B 150 -9.52 4.23 -4.18
CA ALA B 150 -10.19 5.47 -4.57
C ALA B 150 -11.62 5.50 -4.03
N GLY B 151 -11.75 5.21 -2.74
CA GLY B 151 -13.03 5.28 -2.06
C GLY B 151 -14.00 4.21 -2.55
N ARG B 152 -15.20 4.26 -1.97
CA ARG B 152 -16.31 3.38 -2.36
C ARG B 152 -16.77 3.79 -3.76
N ARG B 153 -15.99 3.38 -4.76
CA ARG B 153 -16.22 3.78 -6.14
C ARG B 153 -17.47 3.13 -6.75
N ALA B 154 -18.14 2.25 -6.01
CA ALA B 154 -19.37 1.59 -6.47
C ALA B 154 -19.13 0.80 -7.75
N ASN B 155 -18.00 0.10 -7.82
CA ASN B 155 -17.68 -0.77 -8.94
C ASN B 155 -17.25 -2.13 -8.39
N PRO B 156 -18.13 -3.14 -8.44
CA PRO B 156 -17.78 -4.45 -7.87
C PRO B 156 -16.57 -5.10 -8.52
N ASN B 157 -16.25 -4.75 -9.78
CA ASN B 157 -15.07 -5.31 -10.43
C ASN B 157 -13.77 -4.88 -9.77
N SER B 158 -13.79 -3.80 -9.00
CA SER B 158 -12.60 -3.30 -8.32
C SER B 158 -12.63 -3.55 -6.82
N ILE B 159 -13.67 -4.21 -6.30
CA ILE B 159 -13.75 -4.48 -4.87
C ILE B 159 -12.71 -5.51 -4.47
N ARG B 160 -11.95 -5.21 -3.43
CA ARG B 160 -10.96 -6.14 -2.89
C ARG B 160 -11.49 -6.74 -1.60
N VAL B 161 -11.49 -8.07 -1.53
CA VAL B 161 -12.03 -8.81 -0.39
C VAL B 161 -10.88 -9.16 0.55
N LYS B 162 -11.10 -8.96 1.85
CA LYS B 162 -10.10 -9.25 2.87
C LYS B 162 -10.73 -10.11 3.96
N ILE B 163 -10.08 -11.22 4.29
CA ILE B 163 -10.53 -12.06 5.39
C ILE B 163 -9.97 -11.50 6.69
N ALA B 164 -10.82 -11.37 7.71
CA ALA B 164 -10.46 -10.77 8.97
C ALA B 164 -10.77 -11.72 10.12
N ASP B 165 -10.46 -11.26 11.34
CA ASP B 165 -10.78 -11.94 12.60
C ASP B 165 -10.13 -13.31 12.71
N PHE B 166 -8.83 -13.32 13.01
CA PHE B 166 -8.07 -14.56 13.17
C PHE B 166 -7.89 -14.95 14.63
N GLY B 167 -8.76 -14.46 15.52
CA GLY B 167 -8.63 -14.77 16.93
C GLY B 167 -8.85 -16.23 17.27
N PHE B 168 -9.63 -16.94 16.46
CA PHE B 168 -9.87 -18.35 16.66
C PHE B 168 -8.96 -19.23 15.81
N ALA B 169 -8.12 -18.64 14.98
CA ALA B 169 -7.25 -19.40 14.10
C ALA B 169 -6.19 -20.14 14.90
N ARG B 170 -5.75 -21.28 14.36
CA ARG B 170 -4.70 -22.06 14.99
C ARG B 170 -3.92 -22.78 13.91
N TYR B 171 -2.69 -23.17 14.26
CA TYR B 171 -1.95 -24.12 13.44
C TYR B 171 -2.52 -25.51 13.64
N LEU B 172 -2.49 -26.29 12.57
CA LEU B 172 -2.97 -27.67 12.61
C LEU B 172 -2.06 -28.51 11.73
N GLN B 173 -1.28 -29.40 12.35
CA GLN B 173 -0.44 -30.31 11.62
C GLN B 173 -1.26 -31.13 10.63
N SER B 174 -0.62 -31.48 9.50
CA SER B 174 -1.33 -32.13 8.40
C SER B 174 -1.95 -33.46 8.81
N ASN B 175 -1.45 -34.09 9.87
CA ASN B 175 -1.95 -35.39 10.29
C ASN B 175 -2.66 -35.33 11.64
N MET B 176 -3.07 -34.13 12.07
N MET B 176 -3.08 -34.13 12.06
CA MET B 176 -3.74 -33.93 13.34
CA MET B 176 -3.75 -33.94 13.34
C MET B 176 -5.15 -33.40 13.10
C MET B 176 -5.14 -33.37 13.11
N MET B 177 -5.99 -33.54 14.11
CA MET B 177 -7.37 -33.05 14.08
CA MET B 177 -7.36 -33.05 14.06
C MET B 177 -7.60 -32.13 15.25
N ALA B 178 -8.38 -31.06 15.01
CA ALA B 178 -8.74 -30.12 16.06
C ALA B 178 -10.06 -30.54 16.70
N ALA B 179 -10.34 -29.98 17.87
CA ALA B 179 -11.53 -30.38 18.63
C ALA B 179 -12.09 -29.26 19.49
N LEU B 181 -14.34 -26.21 20.37
CA LEU B 181 -15.63 -25.67 19.93
C LEU B 181 -15.56 -24.15 19.91
N CYS B 182 -15.53 -23.60 18.70
CA CYS B 182 -15.49 -22.16 18.50
C CYS B 182 -16.07 -21.86 17.12
N GLY B 183 -16.40 -20.59 16.91
CA GLY B 183 -17.02 -20.14 15.68
C GLY B 183 -18.48 -19.79 15.89
N SER B 184 -19.12 -19.45 14.77
CA SER B 184 -20.55 -19.11 14.79
C SER B 184 -21.37 -20.29 14.32
N PRO B 185 -22.35 -20.72 15.12
CA PRO B 185 -23.09 -21.96 14.79
C PRO B 185 -23.69 -21.99 13.40
N MET B 186 -24.27 -20.88 12.93
CA MET B 186 -24.93 -20.88 11.63
C MET B 186 -23.96 -21.15 10.48
N TYR B 187 -22.66 -21.00 10.71
CA TYR B 187 -21.65 -21.27 9.69
C TYR B 187 -20.72 -22.41 10.09
N MET B 188 -21.02 -23.12 11.17
CA MET B 188 -20.19 -24.22 11.63
C MET B 188 -20.38 -25.45 10.75
N ALA B 189 -19.28 -26.11 10.41
CA ALA B 189 -19.37 -27.40 9.76
C ALA B 189 -20.07 -28.40 10.69
N PRO B 190 -20.79 -29.38 10.14
CA PRO B 190 -21.51 -30.32 11.01
C PRO B 190 -20.61 -31.05 11.99
N GLU B 191 -19.39 -31.41 11.58
CA GLU B 191 -18.49 -32.11 12.50
C GLU B 191 -18.13 -31.25 13.69
N VAL B 192 -18.09 -29.92 13.52
CA VAL B 192 -17.75 -29.03 14.64
C VAL B 192 -18.91 -28.96 15.61
N ILE B 193 -20.12 -28.65 15.12
CA ILE B 193 -21.27 -28.43 15.99
C ILE B 193 -21.66 -29.72 16.71
N MET B 194 -21.41 -30.88 16.09
CA MET B 194 -21.72 -32.16 16.72
C MET B 194 -20.59 -32.66 17.62
N SER B 195 -19.64 -31.79 17.98
CA SER B 195 -18.56 -32.11 18.91
C SER B 195 -17.74 -33.31 18.43
N GLN B 196 -17.29 -33.23 17.18
CA GLN B 196 -16.40 -34.22 16.60
C GLN B 196 -15.07 -33.56 16.23
N HIS B 197 -14.08 -34.39 15.94
CA HIS B 197 -12.82 -33.87 15.43
C HIS B 197 -13.01 -33.32 14.03
N TYR B 198 -12.15 -32.37 13.65
CA TYR B 198 -12.26 -31.73 12.34
C TYR B 198 -10.89 -31.20 11.94
N ASP B 199 -10.78 -30.86 10.65
CA ASP B 199 -9.56 -30.26 10.13
C ASP B 199 -9.88 -29.05 9.26
N GLY B 200 -9.02 -28.75 8.30
CA GLY B 200 -9.20 -27.59 7.45
C GLY B 200 -10.45 -27.62 6.59
N LYS B 201 -11.01 -28.81 6.34
CA LYS B 201 -12.21 -28.90 5.54
C LYS B 201 -13.43 -28.27 6.22
N ALA B 202 -13.35 -28.02 7.54
CA ALA B 202 -14.43 -27.32 8.22
C ALA B 202 -14.58 -25.90 7.70
N ASP B 203 -13.46 -25.25 7.36
CA ASP B 203 -13.51 -23.91 6.79
C ASP B 203 -14.19 -23.90 5.42
N LEU B 204 -14.05 -25.00 4.66
CA LEU B 204 -14.65 -25.06 3.34
C LEU B 204 -16.17 -25.12 3.41
N TRP B 205 -16.72 -25.79 4.41
CA TRP B 205 -18.16 -25.75 4.64
C TRP B 205 -18.61 -24.32 4.97
N SER B 206 -17.84 -23.63 5.80
CA SER B 206 -18.15 -22.24 6.11
C SER B 206 -18.16 -21.38 4.86
N ILE B 207 -17.20 -21.61 3.96
CA ILE B 207 -17.15 -20.87 2.71
C ILE B 207 -18.35 -21.21 1.84
N GLY B 208 -18.68 -22.51 1.72
CA GLY B 208 -19.84 -22.91 0.95
C GLY B 208 -21.13 -22.33 1.50
N THR B 209 -21.22 -22.17 2.82
CA THR B 209 -22.39 -21.53 3.41
C THR B 209 -22.45 -20.04 3.03
N ILE B 210 -21.29 -19.37 2.99
CA ILE B 210 -21.26 -17.97 2.60
C ILE B 210 -21.64 -17.82 1.12
N VAL B 211 -21.09 -18.68 0.26
CA VAL B 211 -21.39 -18.61 -1.17
C VAL B 211 -22.88 -18.86 -1.41
N TYR B 212 -23.46 -19.86 -0.74
CA TYR B 212 -24.89 -20.10 -0.86
C TYR B 212 -25.70 -18.90 -0.39
N GLN B 213 -25.26 -18.28 0.71
CA GLN B 213 -25.96 -17.11 1.22
C GLN B 213 -25.91 -15.95 0.22
N CYS B 214 -24.79 -15.79 -0.47
CA CYS B 214 -24.66 -14.71 -1.43
C CYS B 214 -25.57 -14.90 -2.64
N LEU B 215 -25.85 -16.15 -3.00
CA LEU B 215 -26.65 -16.46 -4.19
C LEU B 215 -28.14 -16.42 -3.91
N THR B 216 -28.58 -17.05 -2.81
CA THR B 216 -30.00 -17.15 -2.50
C THR B 216 -30.46 -16.14 -1.45
N GLY B 217 -29.56 -15.53 -0.69
CA GLY B 217 -29.98 -14.64 0.36
C GLY B 217 -30.49 -15.33 1.61
N LYS B 218 -30.44 -16.66 1.65
CA LYS B 218 -30.90 -17.43 2.81
C LYS B 218 -29.78 -18.35 3.27
N ALA B 219 -30.03 -19.03 4.38
CA ALA B 219 -29.08 -20.04 4.80
C ALA B 219 -29.44 -21.39 4.17
N PRO B 220 -28.44 -22.19 3.80
CA PRO B 220 -28.75 -23.48 3.16
C PRO B 220 -29.51 -24.43 4.06
N PHE B 221 -29.27 -24.37 5.37
CA PHE B 221 -29.97 -25.21 6.35
C PHE B 221 -30.29 -24.33 7.55
N GLN B 222 -31.51 -23.82 7.60
CA GLN B 222 -31.92 -22.90 8.65
C GLN B 222 -32.56 -23.64 9.81
N ALA B 223 -32.43 -23.06 11.01
CA ALA B 223 -33.02 -23.61 12.21
C ALA B 223 -33.25 -22.48 13.21
N SER B 224 -34.00 -22.79 14.27
CA SER B 224 -34.36 -21.77 15.24
C SER B 224 -33.17 -21.36 16.09
N SER B 225 -32.51 -22.33 16.71
CA SER B 225 -31.42 -22.10 17.65
C SER B 225 -30.22 -22.94 17.23
N PRO B 226 -29.03 -22.63 17.76
CA PRO B 226 -27.89 -23.54 17.51
C PRO B 226 -28.14 -24.95 18.00
N GLN B 227 -28.85 -25.12 19.12
CA GLN B 227 -29.18 -26.47 19.58
CA GLN B 227 -29.18 -26.47 19.58
C GLN B 227 -30.12 -27.17 18.61
N ASP B 228 -30.99 -26.43 17.94
CA ASP B 228 -31.89 -27.04 16.96
C ASP B 228 -31.14 -27.42 15.68
N LEU B 229 -30.24 -26.56 15.23
CA LEU B 229 -29.44 -26.87 14.04
C LEU B 229 -28.55 -28.09 14.28
N ARG B 230 -28.02 -28.22 15.49
CA ARG B 230 -27.23 -29.40 15.82
C ARG B 230 -28.07 -30.67 15.72
N LEU B 231 -29.29 -30.64 16.26
CA LEU B 231 -30.18 -31.79 16.15
C LEU B 231 -30.53 -32.07 14.69
N PHE B 232 -30.66 -31.02 13.88
CA PHE B 232 -30.93 -31.21 12.45
C PHE B 232 -29.81 -31.99 11.77
N TYR B 233 -28.55 -31.69 12.12
CA TYR B 233 -27.43 -32.39 11.50
C TYR B 233 -27.33 -33.82 12.02
N GLU B 234 -27.60 -34.05 13.30
CA GLU B 234 -27.48 -35.39 13.87
C GLU B 234 -28.46 -36.38 13.23
N LYS B 235 -29.64 -35.91 12.82
CA LYS B 235 -30.66 -36.84 12.35
C LYS B 235 -30.64 -37.02 10.83
N ASN B 236 -30.26 -35.98 10.08
CA ASN B 236 -30.13 -36.09 8.64
C ASN B 236 -28.76 -36.66 8.32
N LYS B 237 -28.70 -37.97 8.06
CA LYS B 237 -27.43 -38.60 7.72
C LYS B 237 -26.86 -38.07 6.41
N THR B 238 -27.70 -37.54 5.54
CA THR B 238 -27.28 -36.90 4.30
C THR B 238 -27.84 -35.48 4.24
N LEU B 239 -27.18 -34.62 3.48
CA LEU B 239 -27.53 -33.21 3.42
C LEU B 239 -27.43 -32.73 1.98
N VAL B 240 -28.56 -32.34 1.40
CA VAL B 240 -28.60 -31.77 0.05
C VAL B 240 -29.29 -30.42 0.13
N PRO B 241 -28.58 -29.32 -0.07
CA PRO B 241 -29.23 -28.00 -0.07
C PRO B 241 -30.06 -27.80 -1.32
N THR B 242 -31.06 -26.93 -1.20
CA THR B 242 -31.93 -26.60 -2.33
C THR B 242 -31.27 -25.52 -3.17
N ILE B 243 -30.82 -25.87 -4.36
CA ILE B 243 -30.16 -24.95 -5.27
C ILE B 243 -31.15 -24.56 -6.36
N PRO B 244 -31.48 -23.27 -6.52
CA PRO B 244 -32.41 -22.87 -7.57
C PRO B 244 -32.03 -23.42 -8.94
N ARG B 245 -33.04 -23.56 -9.80
CA ARG B 245 -32.82 -24.10 -11.13
C ARG B 245 -31.97 -23.15 -11.99
N GLU B 246 -32.15 -21.85 -11.82
CA GLU B 246 -31.43 -20.87 -12.63
C GLU B 246 -29.95 -20.79 -12.29
N THR B 247 -29.51 -21.47 -11.22
CA THR B 247 -28.09 -21.46 -10.88
C THR B 247 -27.28 -22.17 -11.96
N SER B 248 -26.14 -21.58 -12.32
CA SER B 248 -25.27 -22.16 -13.33
C SER B 248 -24.74 -23.51 -12.86
N ALA B 249 -24.32 -24.33 -13.83
CA ALA B 249 -23.88 -25.69 -13.51
C ALA B 249 -22.61 -25.72 -12.69
N PRO B 250 -21.55 -24.98 -13.02
CA PRO B 250 -20.34 -25.03 -12.16
C PRO B 250 -20.59 -24.55 -10.74
N LEU B 251 -21.43 -23.53 -10.57
CA LEU B 251 -21.74 -23.07 -9.22
C LEU B 251 -22.61 -24.07 -8.47
N ARG B 252 -23.51 -24.76 -9.18
CA ARG B 252 -24.28 -25.83 -8.54
C ARG B 252 -23.37 -26.95 -8.07
N GLN B 253 -22.40 -27.35 -8.90
CA GLN B 253 -21.49 -28.42 -8.52
C GLN B 253 -20.62 -28.01 -7.33
N LEU B 254 -20.12 -26.77 -7.34
CA LEU B 254 -19.26 -26.31 -6.24
C LEU B 254 -20.03 -26.28 -4.92
N LEU B 255 -21.26 -25.76 -4.94
CA LEU B 255 -22.05 -25.66 -3.72
C LEU B 255 -22.35 -27.06 -3.15
N LEU B 256 -22.62 -28.03 -4.02
CA LEU B 256 -22.92 -29.36 -3.55
C LEU B 256 -21.69 -30.06 -2.97
N ALA B 257 -20.51 -29.76 -3.49
CA ALA B 257 -19.29 -30.37 -2.97
C ALA B 257 -18.83 -29.73 -1.68
N LEU B 258 -19.00 -28.41 -1.56
CA LEU B 258 -18.61 -27.73 -0.33
C LEU B 258 -19.57 -28.03 0.82
N LEU B 259 -20.84 -28.24 0.51
CA LEU B 259 -21.88 -28.48 1.52
C LEU B 259 -22.13 -29.97 1.73
N GLN B 260 -21.08 -30.78 1.70
CA GLN B 260 -21.19 -32.19 2.04
C GLN B 260 -21.14 -32.35 3.55
N ARG B 261 -22.07 -33.15 4.09
CA ARG B 261 -22.16 -33.33 5.53
C ARG B 261 -20.89 -33.97 6.09
N ASN B 262 -20.54 -35.15 5.59
CA ASN B 262 -19.35 -35.84 6.04
C ASN B 262 -18.12 -35.21 5.40
N HIS B 263 -17.15 -34.82 6.23
CA HIS B 263 -16.02 -34.06 5.75
C HIS B 263 -15.11 -34.85 4.81
N LYS B 264 -15.16 -36.18 4.86
CA LYS B 264 -14.38 -36.96 3.90
C LYS B 264 -15.04 -37.00 2.53
N ASP B 265 -16.34 -36.77 2.45
CA ASP B 265 -16.99 -36.55 1.16
C ASP B 265 -16.87 -35.12 0.69
N ARG B 266 -16.48 -34.19 1.57
CA ARG B 266 -16.40 -32.79 1.21
C ARG B 266 -15.22 -32.53 0.28
N MET B 267 -15.39 -31.52 -0.56
CA MET B 267 -14.33 -31.06 -1.44
C MET B 267 -13.09 -30.68 -0.63
N ASP B 268 -11.92 -31.03 -1.13
CA ASP B 268 -10.67 -30.66 -0.46
C ASP B 268 -10.12 -29.40 -1.11
N PHE B 269 -9.00 -28.90 -0.57
CA PHE B 269 -8.47 -27.62 -1.01
C PHE B 269 -8.02 -27.65 -2.47
N ASP B 270 -7.57 -28.81 -2.96
CA ASP B 270 -7.08 -28.88 -4.33
C ASP B 270 -8.22 -28.68 -5.34
N GLU B 271 -9.34 -29.41 -5.16
CA GLU B 271 -10.48 -29.18 -6.05
C GLU B 271 -11.00 -27.76 -5.93
N PHE B 272 -10.95 -27.17 -4.72
CA PHE B 272 -11.52 -25.84 -4.52
C PHE B 272 -10.66 -24.76 -5.19
N PHE B 273 -9.34 -24.87 -5.09
CA PHE B 273 -8.48 -23.86 -5.69
C PHE B 273 -8.57 -23.86 -7.21
N HIS B 274 -8.87 -25.01 -7.82
CA HIS B 274 -8.90 -25.14 -9.27
C HIS B 274 -10.29 -25.47 -9.80
N HIS B 275 -11.34 -25.13 -9.07
CA HIS B 275 -12.68 -25.48 -9.51
C HIS B 275 -13.05 -24.68 -10.75
N PRO B 276 -13.73 -25.29 -11.72
CA PRO B 276 -14.04 -24.58 -12.97
C PRO B 276 -14.88 -23.32 -12.75
N PHE B 277 -15.64 -23.23 -11.66
CA PHE B 277 -16.44 -22.05 -11.43
C PHE B 277 -15.59 -20.80 -11.30
N LEU B 278 -14.37 -20.94 -10.78
CA LEU B 278 -13.53 -19.78 -10.51
C LEU B 278 -12.77 -19.31 -11.74
N ASP B 279 -12.92 -20.00 -12.88
CA ASP B 279 -12.19 -19.63 -14.08
C ASP B 279 -12.75 -18.35 -14.69
N ALA B 280 -11.90 -17.65 -15.43
CA ALA B 280 -12.31 -16.44 -16.12
C ALA B 280 -13.23 -16.78 -17.29
N SER B 281 -14.47 -16.33 -17.22
CA SER B 281 -15.45 -16.62 -18.27
C SER B 281 -15.07 -15.96 -19.59
#